data_7AUN
#
_entry.id   7AUN
#
_cell.length_a   61.530
_cell.length_b   61.530
_cell.length_c   95.501
_cell.angle_alpha   90.000
_cell.angle_beta   90.000
_cell.angle_gamma   120.000
#
_symmetry.space_group_name_H-M   'P 32 2 1'
#
loop_
_entity.id
_entity.type
_entity.pdbx_description
1 polymer 'Diphosphoinositol polyphosphate phosphohydrolase DDP1'
2 non-polymer '{[(1R,3S,4S,5R,6S)-2,4,5,6-tetrakis(phosphonooxy)cyclohexane-1,3-diyl]bis[oxy(hydroxyphosphoryl)methanediyl]}bis(phosphonic acid)'
3 non-polymer 'MAGNESIUM ION'
4 water water
#
_entity_poly.entity_id   1
_entity_poly.type   'polypeptide(L)'
_entity_poly.pdbx_seq_one_letter_code
;GGSMGKTADNHGPVRSETAREGRENQVYSPVTGARLVAGCICLTPDKKQVLMITSSAHKKRWIVPKGGVEKDEPNYETTA
QRETWEEAGCIGKIVANLGTVEDMRPPKDWNKDIKQFENSRKDSEVAKHPPRTEFHFYELEIENLLDKFPECHKRHRKLY
SYTEAKQNLIDAKRPELLEALNRSAIIKDDK
;
_entity_poly.pdbx_strand_id   A
#
loop_
_chem_comp.id
_chem_comp.type
_chem_comp.name
_chem_comp.formula
4WZ non-polymer '{[(1R,3S,4S,5R,6S)-2,4,5,6-tetrakis(phosphonooxy)cyclohexane-1,3-diyl]bis[oxy(hydroxyphosphoryl)methanediyl]}bis(phosphonic acid)' 'C8 H24 O28 P8'
MG non-polymer 'MAGNESIUM ION' 'Mg 2'
#
# COMPACT_ATOMS: atom_id res chain seq x y z
N ARG A 23 -13.53 8.05 10.17
CA ARG A 23 -14.26 9.30 10.54
C ARG A 23 -14.12 10.32 9.39
N GLU A 24 -14.65 11.54 9.55
CA GLU A 24 -14.58 12.56 8.48
C GLU A 24 -13.31 13.40 8.64
N ASN A 25 -12.24 12.79 9.18
CA ASN A 25 -10.86 13.35 9.16
C ASN A 25 -10.21 13.07 7.80
N GLN A 26 -10.72 12.07 7.08
CA GLN A 26 -10.20 11.60 5.77
C GLN A 26 -10.14 12.73 4.73
N VAL A 27 -9.06 12.75 3.92
CA VAL A 27 -8.87 13.72 2.80
C VAL A 27 -9.10 13.02 1.45
N TYR A 28 -9.72 13.71 0.50
CA TYR A 28 -10.08 13.20 -0.84
C TYR A 28 -9.49 14.11 -1.93
N SER A 29 -9.17 13.52 -3.09
CA SER A 29 -8.70 14.26 -4.28
C SER A 29 -9.78 15.26 -4.68
N PRO A 30 -9.47 16.57 -4.77
CA PRO A 30 -10.45 17.56 -5.21
C PRO A 30 -10.88 17.35 -6.67
N VAL A 31 -10.13 16.55 -7.43
CA VAL A 31 -10.37 16.30 -8.88
C VAL A 31 -11.22 15.04 -9.05
N THR A 32 -10.72 13.90 -8.57
CA THR A 32 -11.30 12.55 -8.85
C THR A 32 -12.23 12.10 -7.71
N GLY A 33 -12.15 12.75 -6.54
CA GLY A 33 -12.88 12.34 -5.33
C GLY A 33 -12.28 11.10 -4.69
N ALA A 34 -11.17 10.59 -5.23
CA ALA A 34 -10.45 9.41 -4.71
C ALA A 34 -9.98 9.70 -3.28
N ARG A 35 -10.03 8.70 -2.40
CA ARG A 35 -9.51 8.81 -1.02
C ARG A 35 -7.99 8.91 -1.08
N LEU A 36 -7.39 9.89 -0.40
CA LEU A 36 -5.91 10.05 -0.39
C LEU A 36 -5.33 9.18 0.72
N VAL A 37 -4.49 8.22 0.34
CA VAL A 37 -3.86 7.21 1.24
C VAL A 37 -2.35 7.31 1.08
N ALA A 38 -1.60 7.14 2.17
CA ALA A 38 -0.13 7.07 2.13
C ALA A 38 0.32 5.81 2.84
N GLY A 39 1.45 5.26 2.41
CA GLY A 39 2.00 4.04 3.02
C GLY A 39 3.46 3.87 2.68
N CYS A 40 4.03 2.77 3.17
CA CYS A 40 5.47 2.48 3.10
C CYS A 40 5.68 1.09 2.53
N ILE A 41 6.65 0.99 1.63
CA ILE A 41 7.35 -0.27 1.29
C ILE A 41 8.55 -0.31 2.22
N CYS A 42 8.42 -1.08 3.31
CA CYS A 42 9.44 -1.18 4.39
C CYS A 42 10.41 -2.31 4.04
N LEU A 43 11.67 -1.96 3.77
CA LEU A 43 12.72 -2.91 3.35
C LEU A 43 13.77 -3.08 4.44
N THR A 44 14.35 -4.29 4.49
CA THR A 44 15.51 -4.63 5.33
C THR A 44 16.71 -3.84 4.81
N PRO A 45 17.70 -3.50 5.66
CA PRO A 45 18.89 -2.78 5.20
C PRO A 45 19.58 -3.43 3.99
N ASP A 46 19.59 -4.77 3.92
CA ASP A 46 20.19 -5.54 2.80
C ASP A 46 19.22 -5.57 1.59
N LYS A 47 18.00 -5.07 1.78
CA LYS A 47 16.97 -4.84 0.72
C LYS A 47 16.51 -6.17 0.09
N LYS A 48 16.67 -7.28 0.81
CA LYS A 48 16.30 -8.64 0.33
C LYS A 48 14.84 -8.93 0.71
N GLN A 49 14.28 -8.22 1.69
CA GLN A 49 12.91 -8.52 2.20
C GLN A 49 12.09 -7.25 2.40
N VAL A 50 10.77 -7.41 2.32
CA VAL A 50 9.74 -6.35 2.55
C VAL A 50 8.81 -6.80 3.67
N LEU A 51 8.43 -5.86 4.53
CA LEU A 51 7.51 -6.10 5.67
C LEU A 51 6.07 -6.07 5.14
N MET A 52 5.31 -7.13 5.40
CA MET A 52 3.89 -7.18 5.03
C MET A 52 3.04 -7.39 6.29
N ILE A 53 1.78 -6.96 6.23
CA ILE A 53 0.77 -7.09 7.33
C ILE A 53 -0.48 -7.74 6.74
N THR A 54 -1.27 -8.42 7.58
CA THR A 54 -2.61 -8.94 7.20
C THR A 54 -3.63 -7.80 7.21
N SER A 55 -4.54 -7.80 6.24
CA SER A 55 -5.63 -6.79 6.05
C SER A 55 -6.57 -6.80 7.25
N SER A 56 -7.14 -5.63 7.60
CA SER A 56 -8.13 -5.44 8.69
C SER A 56 -9.50 -5.95 8.25
N ALA A 57 -9.84 -5.75 6.97
CA ALA A 57 -11.14 -6.17 6.36
C ALA A 57 -11.10 -7.66 6.00
N HIS A 58 -10.03 -8.10 5.32
CA HIS A 58 -9.85 -9.47 4.78
C HIS A 58 -8.65 -10.15 5.44
N LYS A 59 -8.86 -10.69 6.65
CA LYS A 59 -7.80 -11.17 7.59
C LYS A 59 -6.87 -12.22 6.95
N LYS A 60 -7.20 -12.74 5.76
CA LYS A 60 -6.40 -13.77 5.04
C LYS A 60 -5.36 -13.13 4.11
N ARG A 61 -5.54 -11.86 3.74
CA ARG A 61 -4.73 -11.19 2.68
C ARG A 61 -3.54 -10.46 3.30
N TRP A 62 -2.33 -10.67 2.72
CA TRP A 62 -1.06 -10.00 3.09
C TRP A 62 -0.89 -8.75 2.22
N ILE A 63 -0.88 -7.57 2.84
CA ILE A 63 -0.74 -6.25 2.16
C ILE A 63 0.42 -5.51 2.83
N VAL A 64 0.60 -4.23 2.49
CA VAL A 64 1.68 -3.39 3.09
C VAL A 64 1.01 -2.29 3.92
N PRO A 65 1.74 -1.69 4.89
CA PRO A 65 1.17 -0.64 5.74
C PRO A 65 0.82 0.61 4.91
N LYS A 66 -0.40 1.10 5.10
CA LYS A 66 -0.94 2.30 4.41
C LYS A 66 -2.23 2.73 5.10
N GLY A 67 -2.62 3.99 4.94
CA GLY A 67 -3.92 4.47 5.45
C GLY A 67 -4.25 5.87 5.00
N GLY A 68 -5.51 6.26 5.25
CA GLY A 68 -6.07 7.56 4.89
C GLY A 68 -5.27 8.67 5.52
N VAL A 69 -4.91 9.67 4.72
CA VAL A 69 -4.37 10.98 5.20
C VAL A 69 -5.49 11.65 5.99
N GLU A 70 -5.13 12.30 7.10
CA GLU A 70 -6.09 13.06 7.97
C GLU A 70 -5.84 14.56 7.76
N LYS A 71 -6.87 15.37 7.98
CA LYS A 71 -6.91 16.83 7.68
C LYS A 71 -5.72 17.57 8.29
N ASP A 72 -5.23 17.15 9.46
CA ASP A 72 -4.21 17.91 10.25
C ASP A 72 -2.79 17.57 9.76
N GLU A 73 -2.61 16.50 8.98
CA GLU A 73 -1.27 16.00 8.58
C GLU A 73 -0.68 16.91 7.51
N PRO A 74 0.57 17.41 7.68
CA PRO A 74 1.13 18.40 6.76
C PRO A 74 1.76 17.84 5.47
N ASN A 75 1.97 16.52 5.39
CA ASN A 75 2.61 15.86 4.22
C ASN A 75 2.29 14.37 4.24
N TYR A 76 2.48 13.73 3.08
CA TYR A 76 2.21 12.28 2.91
C TYR A 76 3.16 11.44 3.75
N GLU A 77 4.41 11.88 3.94
CA GLU A 77 5.42 11.14 4.73
C GLU A 77 4.91 10.94 6.17
N THR A 78 4.28 11.97 6.75
CA THR A 78 3.68 11.93 8.12
C THR A 78 2.70 10.76 8.20
N THR A 79 1.75 10.70 7.27
CA THR A 79 0.72 9.64 7.18
C THR A 79 1.38 8.27 7.03
N ALA A 80 2.36 8.16 6.12
CA ALA A 80 3.05 6.89 5.80
C ALA A 80 3.72 6.36 7.06
N GLN A 81 4.46 7.20 7.79
CA GLN A 81 5.20 6.74 9.00
C GLN A 81 4.24 6.49 10.15
N ARG A 82 3.16 7.27 10.24
CA ARG A 82 2.10 7.04 11.25
C ARG A 82 1.47 5.66 11.01
N GLU A 83 1.14 5.34 9.76
CA GLU A 83 0.43 4.07 9.42
C GLU A 83 1.38 2.89 9.59
N THR A 84 2.66 3.06 9.24
CA THR A 84 3.73 2.03 9.36
C THR A 84 3.91 1.66 10.84
N TRP A 85 3.85 2.65 11.73
CA TRP A 85 3.89 2.42 13.19
C TRP A 85 2.61 1.72 13.65
N GLU A 86 1.44 2.33 13.39
CA GLU A 86 0.10 1.87 13.85
C GLU A 86 -0.18 0.43 13.42
N GLU A 87 0.10 0.10 12.15
CA GLU A 87 -0.33 -1.20 11.56
C GLU A 87 0.77 -2.27 11.62
N ALA A 88 2.05 -1.89 11.66
CA ALA A 88 3.16 -2.89 11.60
C ALA A 88 4.17 -2.73 12.74
N GLY A 89 4.00 -1.77 13.64
CA GLY A 89 4.99 -1.54 14.72
C GLY A 89 6.39 -1.39 14.14
N CYS A 90 6.50 -0.65 13.03
CA CYS A 90 7.74 -0.51 12.25
C CYS A 90 8.22 0.94 12.34
N ILE A 91 9.50 1.12 12.64
CA ILE A 91 10.18 2.45 12.68
C ILE A 91 11.32 2.40 11.67
N GLY A 92 11.50 3.46 10.91
CA GLY A 92 12.63 3.55 9.97
C GLY A 92 12.71 4.91 9.34
N LYS A 93 13.62 5.05 8.39
CA LYS A 93 13.84 6.34 7.68
C LYS A 93 13.34 6.17 6.24
N ILE A 94 12.62 7.17 5.75
CA ILE A 94 12.19 7.23 4.32
C ILE A 94 13.44 7.51 3.48
N VAL A 95 13.70 6.62 2.51
CA VAL A 95 14.93 6.66 1.65
C VAL A 95 14.53 6.97 0.20
N ALA A 96 13.23 6.96 -0.14
CA ALA A 96 12.77 7.22 -1.53
C ALA A 96 11.28 7.51 -1.60
N ASN A 97 10.91 8.46 -2.45
CA ASN A 97 9.52 8.71 -2.89
C ASN A 97 9.23 7.77 -4.06
N LEU A 98 8.31 6.81 -3.87
CA LEU A 98 7.93 5.80 -4.90
C LEU A 98 6.76 6.35 -5.74
N GLY A 99 6.31 7.57 -5.47
CA GLY A 99 5.28 8.22 -6.26
C GLY A 99 3.92 7.64 -5.96
N THR A 100 3.02 7.68 -6.94
CA THR A 100 1.58 7.38 -6.74
C THR A 100 1.16 6.15 -7.54
N VAL A 101 0.19 5.44 -7.00
CA VAL A 101 -0.56 4.36 -7.69
C VAL A 101 -2.03 4.52 -7.28
N GLU A 102 -2.94 3.95 -8.07
CA GLU A 102 -4.39 4.12 -7.86
C GLU A 102 -5.02 2.74 -7.65
N ASP A 103 -5.97 2.63 -6.72
CA ASP A 103 -6.90 1.49 -6.66
C ASP A 103 -7.95 1.71 -7.75
N MET A 104 -7.87 0.92 -8.82
CA MET A 104 -8.77 1.02 -10.00
C MET A 104 -9.84 -0.08 -9.95
N ARG A 105 -10.16 -0.60 -8.76
CA ARG A 105 -11.24 -1.61 -8.57
C ARG A 105 -12.59 -0.92 -8.84
N PRO A 106 -13.51 -1.57 -9.59
CA PRO A 106 -14.82 -0.99 -9.87
C PRO A 106 -15.70 -0.94 -8.61
N PRO A 107 -16.76 -0.10 -8.59
CA PRO A 107 -17.74 -0.12 -7.51
C PRO A 107 -18.26 -1.53 -7.16
N ASP A 113 -23.56 -3.25 -13.28
CA ASP A 113 -24.49 -4.26 -13.84
C ASP A 113 -25.38 -3.61 -14.91
N ILE A 114 -24.78 -2.93 -15.89
CA ILE A 114 -25.49 -2.30 -17.06
C ILE A 114 -24.65 -2.51 -18.34
N LYS A 115 -23.36 -2.17 -18.29
CA LYS A 115 -22.36 -2.50 -19.34
C LYS A 115 -20.97 -2.36 -18.71
N GLN A 116 -20.43 -3.49 -18.24
CA GLN A 116 -19.28 -3.55 -17.30
C GLN A 116 -17.95 -3.46 -18.06
N PHE A 117 -17.99 -3.54 -19.40
CA PHE A 117 -16.80 -3.59 -20.28
C PHE A 117 -17.01 -2.71 -21.53
N GLU A 118 -15.94 -2.07 -21.98
CA GLU A 118 -15.88 -1.23 -23.21
C GLU A 118 -14.76 -1.76 -24.11
N ASN A 119 -15.10 -2.73 -24.97
CA ASN A 119 -14.15 -3.46 -25.86
C ASN A 119 -13.66 -2.53 -26.98
N SER A 120 -12.34 -2.53 -27.22
CA SER A 120 -11.69 -2.00 -28.45
C SER A 120 -11.58 -3.15 -29.47
N ARG A 121 -10.97 -2.93 -30.63
CA ARG A 121 -10.94 -3.91 -31.76
C ARG A 121 -9.79 -4.92 -31.59
N LYS A 122 -8.75 -4.58 -30.80
CA LYS A 122 -7.61 -5.50 -30.52
C LYS A 122 -7.29 -5.49 -29.02
N ASP A 123 -8.28 -5.14 -28.18
CA ASP A 123 -8.13 -5.09 -26.70
C ASP A 123 -9.50 -4.89 -26.03
N SER A 124 -9.57 -5.14 -24.72
CA SER A 124 -10.79 -4.96 -23.89
C SER A 124 -10.42 -4.30 -22.55
N GLU A 125 -11.36 -3.51 -21.99
CA GLU A 125 -11.13 -2.78 -20.72
C GLU A 125 -12.41 -2.79 -19.88
N VAL A 126 -12.25 -2.56 -18.58
CA VAL A 126 -13.41 -2.31 -17.66
C VAL A 126 -13.96 -0.91 -17.98
N ALA A 127 -15.27 -0.71 -17.80
CA ALA A 127 -15.99 0.54 -18.08
C ALA A 127 -15.39 1.70 -17.27
N LYS A 128 -15.33 2.90 -17.86
CA LYS A 128 -14.73 4.13 -17.26
C LYS A 128 -15.30 4.37 -15.86
N HIS A 129 -14.43 4.66 -14.90
CA HIS A 129 -14.78 5.03 -13.50
C HIS A 129 -13.62 5.78 -12.86
N PRO A 130 -13.88 6.66 -11.87
CA PRO A 130 -12.80 7.33 -11.13
C PRO A 130 -12.07 6.32 -10.25
N PRO A 131 -10.79 6.58 -9.87
CA PRO A 131 -10.11 5.73 -8.90
C PRO A 131 -10.85 5.78 -7.56
N ARG A 132 -10.81 4.67 -6.85
CA ARG A 132 -11.32 4.55 -5.47
C ARG A 132 -10.37 5.29 -4.52
N THR A 133 -9.07 5.05 -4.72
CA THR A 133 -7.98 5.48 -3.81
C THR A 133 -6.76 5.90 -4.64
N GLU A 134 -6.17 7.03 -4.26
CA GLU A 134 -4.86 7.50 -4.77
C GLU A 134 -3.85 7.26 -3.65
N PHE A 135 -2.88 6.37 -3.87
CA PHE A 135 -1.86 5.96 -2.87
C PHE A 135 -0.58 6.72 -3.14
N HIS A 136 0.00 7.33 -2.11
CA HIS A 136 1.35 7.94 -2.12
C HIS A 136 2.27 7.02 -1.33
N PHE A 137 3.21 6.36 -2.00
CA PHE A 137 4.10 5.37 -1.36
C PHE A 137 5.51 5.92 -1.19
N TYR A 138 6.11 5.56 -0.06
CA TYR A 138 7.53 5.83 0.28
C TYR A 138 8.23 4.50 0.54
N GLU A 139 9.50 4.41 0.16
CA GLU A 139 10.39 3.31 0.58
C GLU A 139 11.01 3.69 1.93
N LEU A 140 10.93 2.78 2.88
CA LEU A 140 11.52 2.97 4.22
C LEU A 140 12.58 1.89 4.44
N GLU A 141 13.72 2.27 5.01
CA GLU A 141 14.70 1.30 5.54
C GLU A 141 14.29 1.00 6.98
N ILE A 142 13.99 -0.27 7.29
CA ILE A 142 13.59 -0.67 8.66
C ILE A 142 14.78 -0.39 9.58
N GLU A 143 14.53 0.30 10.69
CA GLU A 143 15.54 0.55 11.76
C GLU A 143 15.16 -0.26 13.02
N ASN A 144 13.87 -0.52 13.24
CA ASN A 144 13.42 -1.37 14.37
C ASN A 144 11.99 -1.90 14.15
N LEU A 145 11.73 -3.09 14.67
CA LEU A 145 10.41 -3.78 14.70
C LEU A 145 10.08 -3.99 16.19
N LEU A 146 8.95 -3.45 16.66
CA LEU A 146 8.57 -3.50 18.10
C LEU A 146 7.47 -4.55 18.29
N ASP A 147 7.46 -5.23 19.44
CA ASP A 147 6.48 -6.30 19.76
C ASP A 147 5.10 -5.67 20.00
N LYS A 148 5.03 -4.56 20.73
CA LYS A 148 3.77 -3.87 21.04
C LYS A 148 3.61 -2.64 20.14
N PHE A 149 2.46 -2.55 19.48
CA PHE A 149 2.04 -1.40 18.62
C PHE A 149 0.52 -1.41 18.52
N PRO A 150 -0.11 -0.27 18.16
CA PRO A 150 -1.57 -0.13 18.30
C PRO A 150 -2.41 -1.30 17.77
N GLU A 151 -2.02 -1.91 16.64
CA GLU A 151 -2.87 -2.95 15.98
C GLU A 151 -2.20 -4.34 16.10
N CYS A 152 -1.28 -4.54 17.04
CA CYS A 152 -0.46 -5.78 17.18
C CYS A 152 -1.35 -6.98 17.54
N HIS A 153 -2.57 -6.75 18.03
CA HIS A 153 -3.54 -7.82 18.39
C HIS A 153 -4.54 -8.07 17.25
N LYS A 154 -4.64 -7.14 16.29
CA LYS A 154 -5.65 -7.17 15.17
C LYS A 154 -5.00 -7.62 13.86
N ARG A 155 -3.67 -7.68 13.78
CA ARG A 155 -2.95 -8.02 12.52
C ARG A 155 -1.74 -8.90 12.82
N HIS A 156 -1.31 -9.66 11.82
CA HIS A 156 0.01 -10.31 11.74
C HIS A 156 0.93 -9.40 10.90
N ARG A 157 2.23 -9.59 11.03
CA ARG A 157 3.27 -8.83 10.29
C ARG A 157 4.49 -9.74 10.11
N LYS A 158 5.05 -9.79 8.90
CA LYS A 158 6.15 -10.73 8.55
C LYS A 158 6.98 -10.18 7.39
N LEU A 159 8.28 -10.46 7.39
CA LEU A 159 9.20 -10.15 6.27
C LEU A 159 9.05 -11.22 5.19
N TYR A 160 9.08 -10.81 3.92
CA TYR A 160 8.97 -11.70 2.74
C TYR A 160 10.00 -11.27 1.69
N SER A 161 10.63 -12.25 1.03
CA SER A 161 11.46 -12.02 -0.18
C SER A 161 10.55 -11.47 -1.29
N TYR A 162 11.13 -10.94 -2.36
CA TYR A 162 10.36 -10.33 -3.48
C TYR A 162 9.33 -11.33 -4.03
N THR A 163 9.77 -12.53 -4.40
CA THR A 163 8.91 -13.55 -5.06
C THR A 163 7.70 -13.85 -4.17
N GLU A 164 7.91 -14.05 -2.87
CA GLU A 164 6.84 -14.35 -1.88
C GLU A 164 5.88 -13.15 -1.79
N ALA A 165 6.43 -11.95 -1.63
CA ALA A 165 5.66 -10.68 -1.54
C ALA A 165 4.82 -10.52 -2.81
N LYS A 166 5.43 -10.66 -3.98
CA LYS A 166 4.72 -10.56 -5.29
C LYS A 166 3.50 -11.49 -5.27
N GLN A 167 3.70 -12.76 -4.90
CA GLN A 167 2.58 -13.74 -4.91
C GLN A 167 1.50 -13.31 -3.91
N ASN A 168 1.91 -12.83 -2.73
CA ASN A 168 0.98 -12.35 -1.67
C ASN A 168 0.05 -11.25 -2.22
N LEU A 169 0.62 -10.27 -2.94
CA LEU A 169 -0.16 -9.10 -3.42
C LEU A 169 -1.05 -9.46 -4.63
N ILE A 170 -0.64 -10.50 -5.38
CA ILE A 170 -1.53 -11.08 -6.44
C ILE A 170 -2.66 -11.85 -5.74
N ASP A 171 -2.32 -12.71 -4.78
CA ASP A 171 -3.30 -13.46 -3.95
C ASP A 171 -4.29 -12.48 -3.31
N ALA A 172 -3.79 -11.33 -2.82
CA ALA A 172 -4.59 -10.26 -2.17
C ALA A 172 -5.44 -9.49 -3.21
N LYS A 173 -5.16 -9.64 -4.52
CA LYS A 173 -5.86 -8.94 -5.63
C LYS A 173 -5.54 -7.43 -5.58
N ARG A 174 -4.27 -7.09 -5.40
CA ARG A 174 -3.84 -5.66 -5.20
C ARG A 174 -2.66 -5.38 -6.12
N PRO A 175 -2.90 -5.32 -7.46
CA PRO A 175 -1.80 -5.05 -8.38
C PRO A 175 -1.14 -3.67 -8.15
N GLU A 176 -1.92 -2.67 -7.70
CA GLU A 176 -1.40 -1.30 -7.41
C GLU A 176 -0.33 -1.37 -6.29
N LEU A 177 -0.53 -2.25 -5.30
CA LEU A 177 0.43 -2.43 -4.18
C LEU A 177 1.70 -3.10 -4.74
N LEU A 178 1.56 -4.04 -5.68
CA LEU A 178 2.72 -4.69 -6.35
C LEU A 178 3.49 -3.65 -7.17
N GLU A 179 2.79 -2.76 -7.87
CA GLU A 179 3.42 -1.67 -8.68
C GLU A 179 4.32 -0.83 -7.76
N ALA A 180 3.82 -0.49 -6.58
CA ALA A 180 4.59 0.28 -5.57
C ALA A 180 5.82 -0.53 -5.18
N LEU A 181 5.64 -1.83 -4.89
CA LEU A 181 6.77 -2.72 -4.50
C LEU A 181 7.80 -2.75 -5.62
N ASN A 182 7.36 -2.80 -6.89
CA ASN A 182 8.26 -2.93 -8.07
C ASN A 182 9.09 -1.66 -8.26
N ARG A 183 8.62 -0.50 -7.79
CA ARG A 183 9.35 0.78 -7.91
C ARG A 183 10.44 0.88 -6.83
N SER A 184 10.33 0.09 -5.75
CA SER A 184 11.28 0.10 -4.61
C SER A 184 12.61 -0.54 -5.04
N ALA A 185 13.61 -0.45 -4.18
CA ALA A 185 14.98 -0.97 -4.41
C ALA A 185 15.07 -2.44 -3.98
N ILE A 186 13.93 -3.10 -3.71
CA ILE A 186 13.93 -4.52 -3.25
C ILE A 186 14.65 -5.37 -4.30
N ILE A 187 15.58 -6.22 -3.86
CA ILE A 187 16.33 -7.16 -4.75
C ILE A 187 15.33 -8.17 -5.29
N LYS A 188 15.15 -8.19 -6.61
CA LYS A 188 14.16 -9.04 -7.30
C LYS A 188 14.82 -10.34 -7.74
N ASP A 189 16.16 -10.34 -7.86
CA ASP A 189 16.90 -11.54 -8.33
C ASP A 189 17.02 -12.51 -7.16
N ASP A 190 15.98 -13.33 -6.94
CA ASP A 190 15.98 -14.38 -5.89
C ASP A 190 16.36 -15.73 -6.54
C1 4WZ B . -9.32 -0.07 6.03
C1 4WZ B . -9.33 -0.07 6.05
C2 4WZ B . -8.42 -0.37 4.87
C2 4WZ B . -8.44 -0.36 4.87
C3 4WZ B . -9.04 -1.43 3.99
C3 4WZ B . -9.07 -1.43 4.00
C4 4WZ B . -10.40 -0.96 3.47
C4 4WZ B . -10.42 -0.96 3.49
C5 4WZ B . -11.31 -0.64 4.63
C5 4WZ B . -11.33 -0.65 4.66
C6 4WZ B . -10.69 0.38 5.57
C6 4WZ B . -10.71 0.38 5.59
O55 4WZ B . -16.81 0.36 6.32
O55 4WZ B . -13.48 1.26 1.93
PB5 4WZ B . -16.83 0.47 4.82
PB5 4WZ B . -14.75 0.46 2.08
O65 4WZ B . -17.62 1.65 4.35
O65 4WZ B . -15.92 1.12 1.42
O75 4WZ B . -17.30 -0.81 4.18
O75 4WZ B . -14.58 -0.97 1.61
CB5 4WZ B . -15.13 0.71 4.23
CB5 4WZ B . -15.16 0.35 3.82
PA5 4WZ B . -13.97 -0.62 4.65
PA5 4WZ B . -13.99 -0.73 4.69
O25 4WZ B . -13.91 -0.71 6.21
O25 4WZ B . -14.15 -0.51 6.23
O35 4WZ B . -14.44 -1.87 3.98
O35 4WZ B . -14.23 -2.14 4.25
O15 4WZ B . -12.57 -0.09 4.10
O15 4WZ B . -12.61 -0.13 4.16
O16 4WZ B . -11.55 0.47 6.74
O16 4WZ B . -11.57 0.48 6.77
PA6 4WZ B . -12.17 1.88 7.23
PA6 4WZ B . -12.23 1.87 7.22
O46 4WZ B . -11.66 2.13 8.63
O46 4WZ B . -11.72 2.14 8.63
O36 4WZ B . -11.68 2.91 6.23
O36 4WZ B . -11.75 2.90 6.22
O26 4WZ B . -13.68 1.70 7.19
O26 4WZ B . -13.74 1.67 7.17
O14 4WZ B . -10.99 -2.06 2.71
O14 4WZ B . -11.01 -2.06 2.73
PA4 4WZ B . -11.20 -2.04 1.11
PA4 4WZ B . -11.22 -2.04 1.13
O24 4WZ B . -12.05 -0.82 0.81
O24 4WZ B . -12.08 -0.82 0.83
O44 4WZ B . -9.82 -1.93 0.47
O44 4WZ B . -9.85 -1.93 0.49
O34 4WZ B . -11.89 -3.34 0.77
O34 4WZ B . -11.92 -3.34 0.79
O13 4WZ B . -8.18 -1.68 2.84
O13 4WZ B . -8.21 -1.68 2.86
PA3 4WZ B . -7.39 -3.08 2.74
PA3 4WZ B . -7.42 -3.08 2.76
O43 4WZ B . -7.16 -3.57 4.16
O43 4WZ B . -7.19 -3.57 4.18
O33 4WZ B . -8.28 -4.04 1.94
O33 4WZ B . -8.30 -4.03 1.96
O23 4WZ B . -6.09 -2.76 2.01
O23 4WZ B . -6.12 -2.76 2.03
O12 4WZ B . -8.28 0.86 4.07
O12 4WZ B . -8.30 0.87 4.09
PA2 4WZ B . -6.92 1.74 3.96
PA2 4WZ B . -6.94 1.74 3.97
O42 4WZ B . -6.67 1.98 2.48
O42 4WZ B . -6.70 1.96 2.49
O22 4WZ B . -7.20 3.04 4.70
O22 4WZ B . -7.22 3.05 4.70
O32 4WZ B . -5.80 0.95 4.60
O32 4WZ B . -5.83 0.95 4.62
O11 4WZ B . -8.72 1.00 6.83
O11 4WZ B . -8.74 1.00 6.85
PA1 4WZ B . -7.90 0.62 8.12
PA1 4WZ B . -7.92 0.62 8.14
O21 4WZ B . -8.78 -0.28 9.03
O21 4WZ B . -8.80 -0.29 9.05
O31 4WZ B . -6.55 0.06 7.79
O31 4WZ B . -6.57 0.06 7.82
CB1 4WZ B . -7.71 2.21 8.97
CB1 4WZ B . -7.74 2.21 8.99
PB1 4WZ B . -6.83 3.46 8.02
PB1 4WZ B . -6.85 3.45 8.05
O61 4WZ B . -5.73 2.72 7.30
O61 4WZ B . -5.76 2.71 7.30
O71 4WZ B . -6.29 4.47 9.00
O71 4WZ B . -6.29 4.46 9.02
O51 4WZ B . -7.83 4.06 7.07
O51 4WZ B . -7.85 4.08 7.10
MG MG C . -4.76 0.93 6.43
#